data_7BC5
#
_entry.id   7BC5
#
_cell.length_a   1.00
_cell.length_b   1.00
_cell.length_c   1.00
_cell.angle_alpha   90.00
_cell.angle_beta   90.00
_cell.angle_gamma   90.00
#
_symmetry.space_group_name_H-M   'P 1'
#
_entity_poly.entity_id   1
_entity_poly.type   'polypeptide(L)'
_entity_poly.pdbx_seq_one_letter_code
;MRPEVEQELSHVLLTELLAYQFASPVRWIETQDVFLKDYNTERVVEIGPSPTLAGMASRTIKAKYESYDAALSLQRQVLC
YAKDTKEIYYTPDPADIAPPIKEEAETSAAATSSSAPAAAAPVSAAPAAAPSGPVAEIPDEPVKAALVLHVLVAHKLKKS
LDAVPLSKAIKDLVGGKSTVQNEILGDLGKEFGSTPEKPEDTPLQELAEQFQDTFPGSLGKQTGSLVNRLMSSKMPGGFS
LSVARKYLQTRWGLGPGRQDSVLLVALVNEPGARLSSDGEAKEFLDSCAQKYASGAGITLAQAAAGGAGSSGAGGAVIDA
EAFEELTKDNRVLARQQLEVLARYLKYDLTKGEKSLVKEKEASSLLQQELDLWAEEHGEIYAQGIKPVFSHLKARTYDSY
WNWARQDALSMYFDIIFGKLTDVDRETVSQCIQLMNRSNPTLIKFMQYHIDHCPEYKGETYQLAKSLGQQLIDNCIQVAN
QDPVYKDISYPTGPHTEVDSKGNIVYKEVNRKSVRKLEQYVFEMSQGGELTKEVQPTIQEDLAKIYEALNKQASTESQLE
FNKLYNSLIEFVEKSKEIEVSKSINAVLASKSSDSDRSAEISSLSEKTSIVDPVSGGIPPETVPFLHLKKKLPSGEWVFD
RDTSALFLDGLQKGAVNGISYKGKNVLITGAGAGSIGAEVLQGLISGGAKVIVTTSRFSKKVTEYYQDIYARFGAAGSCL
IVVPFNQGSKQDVEALIDYIYRDVKDEGLGWDLDAVIPFAAIPEAGIEIDELGSKSELAHRIMLTNLLRLLGEVKKQKFT
RAINTRPAQIILPLSPNHGTFGSDGLYSESKLGLETLFNRWYSESWSEQLTVCGAIIGWTRGTGLMSGNNIIAEGLEKLG
VRTFSQKEMAFNILGLMTPELTEMCQNGPVVADLNGGLQFIENLREYTAQLRNEIYETSEVRRAVSIETGIETRVVNGEN
ADAPYQKARIEPRANLKFEFPPLKSHKEIQNKAPGLEGLLDLERVIVVTGFGEVSPWGNTRTRWEMEAFGEFSIEGCLEM
AWIMGFIKYHNGNLKGKPYTGWIDAKTNEPVEDKDIKKKYEEEILAHAGIRLIEPELFRGYNPEKKELIQEVIIEQDMAP
FVTDESTAQQYKLQHEDAVDILKSEESDEYTVTFKKGARLFVPKALRFDRLVAGQIPTGWDAKRYGISEDTISQVDPVTL
YALVSTIEALLSAGITDPYEFYKYVHVSEVGNCSGSGMGGVSALRGMFRDRYSDKPVQNDILQESFINTMSAWVNMLLLS
SSGPIKTPVGACATAVESVDIGVETILSGKAKICLVGGYDDFQEEGSYEFANMNATSNSLDEFDHGRTPQEMSRPATTTR
NGFMEAQGSGTQVIMNAELAIKMGVPIYAIVALTATATDKIGRSVPAPGKGILTTAREHHGSLKTKSPKLDIKYRTRQLN
KRKDQIKQWVEDELEYIREEAAELANSDAKFDAVSFVSERTEEVYREATKQVKMAQQEWGNEFWKNDPRIAPLRGALATF
NLTVDDLGVASFHGTSTKANDKNESITINKMMQHLGRSEGNPVFGVFQKYLTGHPKGAAGAWMLNGAIQILQTGIVPGNR
NADNVDKILEDFEYVLYPSRSIQTDGIKACSVTSFGFGQKGGQAIVVHPDYLFASLDSETFEEYKTKVEARYKSTYRYMH
NAIIRNTMFVAKSDPPYTDELEQPVYLDPLARVNNCKKNPSKLVFVNADVQSKQNFVGKSANDTAKVISSLTSDVTSGGK
GVGVDVELISAINNENHTFIERNFTENEISYCASAPSSKSSLAGTWSAKEAVFKALGVESKGAGASLKDIEIVRDSKGAP
TVVLHGDAKSAASAAGVKNVKVSISHDDVQSVAVAISEF
;
_entity_poly.pdbx_strand_id   A
#
# COMPACT_ATOMS: atom_id res chain seq x y z
N PRO A 139 -3.93 -18.32 9.79
CA PRO A 139 -3.44 -17.62 8.60
C PRO A 139 -3.39 -16.11 8.80
N ASP A 140 -4.28 -15.60 9.65
CA ASP A 140 -4.44 -14.17 9.83
C ASP A 140 -3.31 -13.59 10.69
N GLU A 141 -2.70 -12.52 10.20
CA GLU A 141 -1.65 -11.79 10.91
C GLU A 141 -1.75 -10.34 10.48
N PRO A 142 -1.37 -9.38 11.35
CA PRO A 142 -1.50 -7.97 10.97
C PRO A 142 -0.51 -7.51 9.90
N VAL A 143 -0.54 -6.22 9.60
CA VAL A 143 0.24 -5.65 8.52
C VAL A 143 1.68 -5.45 8.96
N LYS A 144 2.61 -5.70 8.03
CA LYS A 144 4.01 -5.34 8.17
C LYS A 144 4.21 -3.99 7.50
N ALA A 145 5.10 -3.16 8.08
CA ALA A 145 5.37 -1.84 7.52
C ALA A 145 6.07 -1.91 6.16
N ALA A 146 6.71 -3.03 5.83
CA ALA A 146 7.22 -3.22 4.49
C ALA A 146 6.12 -3.57 3.48
N LEU A 147 4.91 -3.83 3.95
CA LEU A 147 3.75 -4.03 3.08
C LEU A 147 2.83 -2.83 3.05
N VAL A 148 3.00 -1.86 3.94
CA VAL A 148 2.17 -0.66 3.96
C VAL A 148 2.94 0.61 3.60
N LEU A 149 4.25 0.68 3.83
CA LEU A 149 4.99 1.90 3.60
C LEU A 149 6.02 1.80 2.48
N HIS A 150 6.52 0.60 2.20
CA HIS A 150 7.28 0.40 0.97
C HIS A 150 6.36 0.51 -0.24
N VAL A 151 5.07 0.18 -0.06
CA VAL A 151 4.07 0.38 -1.10
C VAL A 151 3.88 1.87 -1.37
N LEU A 152 3.88 2.68 -0.31
CA LEU A 152 3.57 4.11 -0.46
C LEU A 152 4.69 4.87 -1.15
N VAL A 153 5.94 4.53 -0.87
CA VAL A 153 7.04 5.25 -1.50
C VAL A 153 7.22 4.81 -2.94
N ALA A 154 6.69 3.64 -3.31
CA ALA A 154 6.65 3.26 -4.71
C ALA A 154 5.50 3.92 -5.45
N HIS A 155 4.50 4.41 -4.73
CA HIS A 155 3.37 5.09 -5.35
C HIS A 155 3.70 6.52 -5.73
N LYS A 156 4.62 7.15 -5.00
CA LYS A 156 4.98 8.54 -5.30
C LYS A 156 5.89 8.66 -6.51
N LEU A 157 6.76 7.67 -6.73
CA LEU A 157 7.65 7.70 -7.87
C LEU A 157 7.01 7.15 -9.14
N LYS A 158 5.78 6.63 -9.04
CA LYS A 158 5.07 5.92 -10.12
C LYS A 158 5.93 4.78 -10.67
N LYS A 159 6.40 3.93 -9.77
CA LYS A 159 7.33 2.85 -10.09
C LYS A 159 6.80 1.55 -9.54
N SER A 160 7.41 0.44 -9.95
CA SER A 160 6.97 -0.89 -9.55
C SER A 160 7.66 -1.31 -8.26
N LEU A 161 7.30 -2.51 -7.78
CA LEU A 161 7.77 -2.98 -6.48
C LEU A 161 9.24 -3.41 -6.55
N ASP A 162 9.60 -4.20 -7.56
CA ASP A 162 11.00 -4.53 -7.78
C ASP A 162 11.79 -3.38 -8.41
N ALA A 163 11.09 -2.37 -8.92
CA ALA A 163 11.75 -1.29 -9.66
C ALA A 163 12.59 -0.40 -8.75
N VAL A 164 12.14 -0.18 -7.52
CA VAL A 164 12.95 0.53 -6.54
C VAL A 164 14.03 -0.44 -6.07
N PRO A 165 15.22 0.04 -5.70
CA PRO A 165 16.26 -0.88 -5.22
C PRO A 165 16.00 -1.42 -3.84
N LEU A 166 15.14 -0.78 -3.05
CA LEU A 166 14.61 -1.17 -1.74
C LEU A 166 15.67 -1.14 -0.63
N SER A 167 16.95 -0.92 -0.95
CA SER A 167 18.04 -1.04 0.02
C SER A 167 18.88 0.23 0.07
N LYS A 168 18.28 1.38 -0.21
CA LYS A 168 19.00 2.64 -0.18
C LYS A 168 18.07 3.72 0.36
N ALA A 169 18.68 4.82 0.81
CA ALA A 169 17.97 5.84 1.56
C ALA A 169 17.05 6.66 0.63
N ILE A 170 16.22 7.48 1.27
CA ILE A 170 15.18 8.21 0.56
C ILE A 170 15.77 9.35 -0.26
N LYS A 171 16.80 10.02 0.28
CA LYS A 171 17.43 11.14 -0.39
C LYS A 171 18.14 10.70 -1.67
N ASP A 172 18.67 9.48 -1.67
CA ASP A 172 19.29 8.93 -2.87
C ASP A 172 18.27 8.31 -3.81
N LEU A 173 17.06 8.04 -3.34
CA LEU A 173 16.03 7.40 -4.18
C LEU A 173 15.50 8.36 -5.24
N VAL A 174 14.95 9.51 -4.80
CA VAL A 174 14.23 10.40 -5.70
C VAL A 174 15.13 11.16 -6.65
N GLY A 175 16.44 11.16 -6.42
CA GLY A 175 17.33 12.02 -7.17
C GLY A 175 17.51 13.33 -6.43
N GLY A 176 17.59 14.43 -7.17
CA GLY A 176 17.73 15.73 -6.55
C GLY A 176 16.51 16.60 -6.73
N LYS A 177 15.32 16.00 -6.62
CA LYS A 177 14.10 16.76 -6.89
C LYS A 177 13.77 17.68 -5.73
N SER A 178 14.02 17.23 -4.50
CA SER A 178 13.96 18.01 -3.26
C SER A 178 12.58 18.60 -2.96
N THR A 179 11.54 18.12 -3.64
CA THR A 179 10.15 18.43 -3.31
C THR A 179 9.39 17.17 -2.93
N VAL A 180 9.56 16.11 -3.72
CA VAL A 180 9.04 14.80 -3.35
C VAL A 180 9.80 14.24 -2.15
N GLN A 181 11.06 14.64 -1.96
CA GLN A 181 11.84 14.20 -0.81
C GLN A 181 11.26 14.74 0.50
N ASN A 182 10.83 15.99 0.50
CA ASN A 182 10.08 16.52 1.64
C ASN A 182 8.62 16.10 1.64
N GLU A 183 8.14 15.51 0.55
CA GLU A 183 6.79 14.99 0.52
C GLU A 183 6.71 13.51 0.89
N ILE A 184 7.81 12.77 0.73
CA ILE A 184 7.86 11.40 1.22
C ILE A 184 7.83 11.40 2.74
N LEU A 185 8.55 12.32 3.37
CA LEU A 185 8.42 12.49 4.81
C LEU A 185 7.09 13.15 5.20
N GLY A 186 6.35 13.68 4.23
CA GLY A 186 5.02 14.18 4.52
C GLY A 186 4.02 13.08 4.79
N ASP A 187 4.04 12.01 3.97
CA ASP A 187 3.13 10.90 4.18
C ASP A 187 3.73 9.79 5.03
N LEU A 188 5.03 9.85 5.32
CA LEU A 188 5.64 8.99 6.32
C LEU A 188 5.45 9.52 7.74
N GLY A 189 4.85 10.68 7.89
CA GLY A 189 4.71 11.28 9.20
C GLY A 189 3.32 11.77 9.55
N LYS A 190 2.29 11.04 9.14
CA LYS A 190 0.93 11.46 9.46
C LYS A 190 0.40 10.78 10.72
N GLU A 191 0.28 9.45 10.70
CA GLU A 191 -0.30 8.71 11.82
C GLU A 191 0.73 7.82 12.49
N PHE A 192 1.95 7.79 11.96
CA PHE A 192 2.88 6.69 12.18
C PHE A 192 3.83 6.94 13.35
N GLY A 193 3.28 7.33 14.52
CA GLY A 193 4.08 7.78 15.65
C GLY A 193 4.99 8.90 15.21
N SER A 194 4.39 10.05 14.88
CA SER A 194 4.55 10.72 13.58
C SER A 194 5.92 10.59 12.92
N THR A 195 6.98 11.06 13.57
CA THR A 195 8.23 11.19 12.85
C THR A 195 9.34 10.41 13.56
N PRO A 196 10.20 9.71 12.82
CA PRO A 196 11.35 9.02 13.42
C PRO A 196 12.40 10.00 13.97
N GLU A 197 13.48 9.42 14.48
CA GLU A 197 14.58 10.22 15.02
C GLU A 197 15.34 10.95 13.91
N LYS A 198 15.37 10.40 12.69
CA LYS A 198 15.99 10.99 11.51
C LYS A 198 15.48 10.21 10.29
N PRO A 199 14.93 10.90 9.30
CA PRO A 199 14.46 10.18 8.09
C PRO A 199 15.58 9.66 7.19
N GLU A 200 16.52 10.52 6.80
CA GLU A 200 17.49 10.19 5.75
C GLU A 200 18.78 9.63 6.34
N ASP A 201 18.66 8.50 7.03
CA ASP A 201 19.82 7.66 7.35
C ASP A 201 19.58 6.18 7.09
N THR A 202 18.33 5.73 7.04
CA THR A 202 18.00 4.33 6.89
C THR A 202 17.44 4.04 5.50
N PRO A 203 17.73 2.85 4.97
CA PRO A 203 17.02 2.38 3.77
C PRO A 203 15.60 1.93 4.06
N LEU A 204 14.95 1.33 3.06
CA LEU A 204 13.52 1.04 3.18
C LEU A 204 13.23 -0.13 4.12
N GLN A 205 14.21 -1.00 4.39
CA GLN A 205 14.00 -2.00 5.43
C GLN A 205 14.37 -1.42 6.79
N GLU A 206 15.56 -0.83 6.89
CA GLU A 206 16.10 -0.37 8.17
C GLU A 206 15.35 0.81 8.77
N LEU A 207 14.41 1.42 8.03
CA LEU A 207 13.39 2.19 8.73
C LEU A 207 12.44 1.27 9.48
N ALA A 208 11.88 0.27 8.79
CA ALA A 208 10.73 -0.48 9.30
C ALA A 208 11.08 -1.42 10.43
N GLU A 209 12.34 -1.85 10.55
CA GLU A 209 12.72 -2.66 11.71
C GLU A 209 12.73 -1.84 12.98
N GLN A 210 12.90 -0.52 12.87
CA GLN A 210 12.71 0.37 14.01
C GLN A 210 11.23 0.58 14.31
N PHE A 211 10.39 0.61 13.28
CA PHE A 211 9.00 1.02 13.47
C PHE A 211 8.06 -0.12 13.84
N GLN A 212 8.56 -1.35 13.99
CA GLN A 212 7.64 -2.46 14.26
C GLN A 212 7.09 -2.41 15.69
N ASP A 213 7.88 -1.91 16.63
CA ASP A 213 7.39 -1.76 18.00
C ASP A 213 6.48 -0.54 18.13
N THR A 214 6.46 0.35 17.14
CA THR A 214 5.61 1.52 17.14
C THR A 214 4.38 1.36 16.25
N PHE A 215 4.36 0.36 15.37
CA PHE A 215 3.24 0.16 14.46
C PHE A 215 2.20 -0.72 15.12
N PRO A 216 1.00 -0.21 15.40
CA PRO A 216 -0.04 -1.03 16.03
C PRO A 216 -0.89 -1.85 15.07
N GLY A 217 -0.63 -1.77 13.77
CA GLY A 217 -1.47 -2.44 12.80
C GLY A 217 -2.65 -1.58 12.42
N SER A 218 -2.38 -0.31 12.10
CA SER A 218 -3.42 0.67 11.86
C SER A 218 -3.89 0.62 10.42
N LEU A 219 -5.08 1.16 10.20
CA LEU A 219 -5.66 1.29 8.86
C LEU A 219 -5.00 2.38 8.04
N GLY A 220 -4.58 3.48 8.68
CA GLY A 220 -3.99 4.59 7.96
C GLY A 220 -4.96 5.74 7.83
N LYS A 221 -4.61 6.91 8.37
CA LYS A 221 -5.48 8.08 8.29
C LYS A 221 -5.47 8.63 6.86
N GLN A 222 -4.31 9.06 6.39
CA GLN A 222 -4.17 9.52 5.01
C GLN A 222 -3.11 8.75 4.24
N THR A 223 -2.50 7.75 4.85
CA THR A 223 -1.88 6.67 4.10
C THR A 223 -2.91 5.76 3.47
N GLY A 224 -3.92 5.36 4.24
CA GLY A 224 -5.03 4.56 3.77
C GLY A 224 -6.17 5.34 3.15
N SER A 225 -6.06 6.66 3.02
CA SER A 225 -7.10 7.41 2.31
C SER A 225 -6.83 7.41 0.82
N LEU A 226 -5.60 7.08 0.42
CA LEU A 226 -5.31 6.88 -1.01
C LEU A 226 -5.98 5.61 -1.51
N VAL A 227 -6.30 4.69 -0.60
CA VAL A 227 -7.11 3.52 -0.94
C VAL A 227 -8.51 3.96 -1.37
N ASN A 228 -9.16 4.83 -0.60
CA ASN A 228 -10.48 5.33 -0.94
C ASN A 228 -10.47 6.18 -2.20
N ARG A 229 -9.33 6.80 -2.52
CA ARG A 229 -9.20 7.54 -3.76
C ARG A 229 -9.29 6.63 -4.98
N LEU A 230 -8.63 5.47 -4.91
CA LEU A 230 -8.81 4.44 -5.94
C LEU A 230 -10.25 3.93 -5.95
N MET A 231 -10.86 3.81 -4.77
CA MET A 231 -12.15 3.18 -4.59
C MET A 231 -13.30 4.01 -5.14
N SER A 232 -13.09 5.30 -5.40
CA SER A 232 -14.11 6.17 -5.96
C SER A 232 -13.79 6.65 -7.37
N SER A 233 -12.51 6.82 -7.71
CA SER A 233 -12.14 7.40 -8.99
C SER A 233 -11.96 6.39 -10.10
N LYS A 234 -11.55 5.16 -9.77
CA LYS A 234 -11.22 4.17 -10.78
C LYS A 234 -12.16 2.97 -10.78
N MET A 235 -13.17 2.97 -9.91
CA MET A 235 -14.11 1.88 -9.78
C MET A 235 -15.52 2.34 -10.15
N PRO A 236 -16.39 1.43 -10.64
CA PRO A 236 -17.73 1.85 -11.07
C PRO A 236 -18.65 2.27 -9.94
N GLY A 237 -19.87 2.70 -10.30
CA GLY A 237 -20.80 3.22 -9.31
C GLY A 237 -21.37 2.10 -8.47
N GLY A 238 -21.22 2.21 -7.14
CA GLY A 238 -21.68 1.18 -6.24
C GLY A 238 -20.54 0.29 -5.78
N PHE A 239 -19.34 0.88 -5.64
CA PHE A 239 -18.15 0.12 -5.26
C PHE A 239 -17.35 0.85 -4.19
N SER A 240 -17.99 1.20 -3.08
CA SER A 240 -17.23 1.65 -1.92
C SER A 240 -16.64 0.43 -1.21
N LEU A 241 -15.97 0.66 -0.08
CA LEU A 241 -15.21 -0.39 0.60
C LEU A 241 -16.07 -1.42 1.31
N SER A 242 -17.40 -1.26 1.31
CA SER A 242 -18.27 -2.29 1.89
C SER A 242 -18.34 -3.51 1.00
N VAL A 243 -18.62 -3.31 -0.28
CA VAL A 243 -18.81 -4.42 -1.20
C VAL A 243 -17.48 -5.05 -1.60
N ALA A 244 -16.37 -4.30 -1.52
CA ALA A 244 -15.07 -4.86 -1.88
C ALA A 244 -14.57 -5.82 -0.81
N ARG A 245 -14.58 -5.39 0.45
CA ARG A 245 -14.09 -6.22 1.54
C ARG A 245 -14.94 -7.46 1.76
N LYS A 246 -16.19 -7.45 1.31
CA LYS A 246 -16.97 -8.68 1.27
C LYS A 246 -16.43 -9.65 0.22
N TYR A 247 -16.07 -9.13 -0.95
CA TYR A 247 -15.62 -9.99 -2.04
C TYR A 247 -14.24 -10.57 -1.78
N LEU A 248 -13.40 -9.87 -1.00
CA LEU A 248 -12.07 -10.39 -0.69
C LEU A 248 -12.14 -11.58 0.26
N GLN A 249 -13.20 -11.69 1.04
CA GLN A 249 -13.36 -12.82 1.94
C GLN A 249 -14.18 -13.95 1.34
N THR A 250 -15.30 -13.61 0.70
CA THR A 250 -16.25 -14.62 0.20
C THR A 250 -15.91 -15.15 -1.17
N ARG A 251 -14.74 -14.83 -1.69
CA ARG A 251 -14.30 -15.45 -2.95
C ARG A 251 -12.94 -16.14 -2.81
N TRP A 252 -11.99 -15.53 -2.11
CA TRP A 252 -10.68 -16.12 -1.89
C TRP A 252 -10.47 -16.51 -0.44
N GLY A 253 -10.70 -15.60 0.50
CA GLY A 253 -10.52 -15.88 1.91
C GLY A 253 -9.21 -15.30 2.43
N LEU A 254 -9.29 -14.12 3.03
CA LEU A 254 -8.12 -13.41 3.51
C LEU A 254 -8.20 -13.02 4.97
N GLY A 255 -9.37 -12.58 5.44
CA GLY A 255 -9.51 -12.09 6.78
C GLY A 255 -9.21 -10.61 6.87
N PRO A 256 -9.79 -9.93 7.88
CA PRO A 256 -9.59 -8.49 8.01
C PRO A 256 -8.16 -8.09 8.38
N GLY A 257 -7.39 -8.97 8.99
CA GLY A 257 -5.99 -8.69 9.23
C GLY A 257 -5.11 -8.76 8.00
N ARG A 258 -5.58 -9.41 6.94
CA ARG A 258 -4.85 -9.51 5.68
C ARG A 258 -5.53 -8.80 4.53
N GLN A 259 -6.75 -8.28 4.72
CA GLN A 259 -7.42 -7.53 3.66
C GLN A 259 -6.96 -6.09 3.58
N ASP A 260 -6.18 -5.60 4.56
CA ASP A 260 -5.54 -4.31 4.38
C ASP A 260 -4.41 -4.37 3.37
N SER A 261 -3.66 -5.47 3.37
CA SER A 261 -2.46 -5.61 2.55
C SER A 261 -2.76 -6.08 1.13
N VAL A 262 -4.04 -6.20 0.76
CA VAL A 262 -4.41 -6.51 -0.62
C VAL A 262 -5.00 -5.31 -1.34
N LEU A 263 -5.43 -4.28 -0.62
CA LEU A 263 -5.83 -3.03 -1.26
C LEU A 263 -4.61 -2.20 -1.64
N LEU A 264 -3.48 -2.45 -0.98
CA LEU A 264 -2.27 -1.69 -1.22
C LEU A 264 -1.54 -2.21 -2.46
N VAL A 265 -1.62 -3.51 -2.71
CA VAL A 265 -1.15 -4.08 -3.97
C VAL A 265 -2.14 -3.82 -5.10
N ALA A 266 -3.35 -3.36 -4.78
CA ALA A 266 -4.22 -2.74 -5.77
C ALA A 266 -3.87 -1.28 -6.00
N LEU A 267 -3.22 -0.63 -5.03
CA LEU A 267 -2.89 0.78 -5.12
C LEU A 267 -1.64 1.03 -5.97
N VAL A 268 -0.74 0.06 -6.06
CA VAL A 268 0.46 0.24 -6.86
C VAL A 268 0.16 0.07 -8.35
N ASN A 269 -0.81 -0.76 -8.69
CA ASN A 269 -1.20 -0.99 -10.09
C ASN A 269 -2.64 -0.55 -10.24
N GLU A 270 -2.83 0.70 -10.47
CA GLU A 270 -4.15 1.25 -10.70
C GLU A 270 -4.43 1.31 -12.20
N PRO A 271 -5.68 1.17 -12.61
CA PRO A 271 -6.01 1.36 -14.03
C PRO A 271 -5.87 2.81 -14.46
N GLY A 272 -5.62 2.99 -15.75
CA GLY A 272 -5.52 4.34 -16.29
C GLY A 272 -6.85 5.05 -16.41
N ALA A 273 -7.95 4.30 -16.37
CA ALA A 273 -9.29 4.87 -16.43
C ALA A 273 -10.15 4.19 -15.39
N ARG A 274 -11.37 4.67 -15.25
CA ARG A 274 -12.35 4.06 -14.36
C ARG A 274 -12.88 2.80 -14.99
N LEU A 275 -13.08 1.77 -14.17
CA LEU A 275 -13.56 0.49 -14.65
C LEU A 275 -15.04 0.58 -15.00
N SER A 276 -15.38 0.21 -16.24
CA SER A 276 -16.69 0.50 -16.82
C SER A 276 -17.76 -0.50 -16.44
N SER A 277 -17.46 -1.48 -15.59
CA SER A 277 -18.45 -2.47 -15.19
C SER A 277 -18.09 -3.04 -13.83
N ASP A 278 -19.10 -3.60 -13.15
CA ASP A 278 -18.86 -4.29 -11.90
C ASP A 278 -18.07 -5.58 -12.11
N GLY A 279 -18.20 -6.18 -13.28
CA GLY A 279 -17.42 -7.37 -13.62
C GLY A 279 -15.97 -7.10 -13.91
N GLU A 280 -15.57 -5.84 -14.06
CA GLU A 280 -14.15 -5.51 -14.25
C GLU A 280 -13.35 -5.63 -12.96
N ALA A 281 -14.02 -5.79 -11.81
CA ALA A 281 -13.34 -6.11 -10.57
C ALA A 281 -12.97 -7.58 -10.47
N LYS A 282 -13.29 -8.39 -11.46
CA LYS A 282 -12.96 -9.81 -11.44
C LYS A 282 -11.61 -10.12 -12.09
N GLU A 283 -11.03 -9.15 -12.81
CA GLU A 283 -9.67 -9.27 -13.32
C GLU A 283 -8.72 -8.25 -12.73
N PHE A 284 -9.24 -7.12 -12.25
CA PHE A 284 -8.39 -6.15 -11.56
C PHE A 284 -8.15 -6.59 -10.12
N LEU A 285 -9.21 -6.71 -9.34
CA LEU A 285 -9.10 -6.97 -7.91
C LEU A 285 -8.71 -8.41 -7.60
N ASP A 286 -8.99 -9.35 -8.51
CA ASP A 286 -8.57 -10.73 -8.28
C ASP A 286 -7.08 -10.90 -8.52
N SER A 287 -6.50 -10.11 -9.43
CA SER A 287 -5.07 -10.20 -9.69
C SER A 287 -4.24 -9.61 -8.56
N CYS A 288 -4.85 -8.80 -7.69
CA CYS A 288 -4.13 -8.30 -6.52
C CYS A 288 -3.85 -9.42 -5.52
N ALA A 289 -4.80 -10.35 -5.36
CA ALA A 289 -4.58 -11.49 -4.48
C ALA A 289 -3.59 -12.48 -5.06
N GLN A 290 -3.44 -12.51 -6.38
CA GLN A 290 -2.42 -13.35 -6.99
C GLN A 290 -1.02 -12.78 -6.78
N LYS A 291 -0.89 -11.45 -6.75
CA LYS A 291 0.37 -10.85 -6.34
C LYS A 291 0.57 -10.95 -4.83
N TYR A 292 -0.53 -11.00 -4.08
CA TYR A 292 -0.44 -11.28 -2.65
C TYR A 292 -0.07 -12.74 -2.39
N ALA A 293 -0.35 -13.63 -3.35
CA ALA A 293 0.08 -15.01 -3.26
C ALA A 293 1.57 -15.19 -3.50
N SER A 294 2.26 -14.16 -3.98
CA SER A 294 3.71 -14.16 -4.07
C SER A 294 4.37 -13.70 -2.77
N GLY A 295 3.58 -13.47 -1.73
CA GLY A 295 4.11 -13.14 -0.42
C GLY A 295 4.07 -14.34 0.51
N ALA A 296 3.03 -14.41 1.34
CA ALA A 296 2.88 -15.56 2.23
C ALA A 296 2.52 -16.82 1.46
N GLY A 297 1.68 -16.70 0.44
CA GLY A 297 1.33 -17.82 -0.41
C GLY A 297 0.42 -18.84 0.24
N ILE A 298 -0.81 -18.42 0.57
CA ILE A 298 -1.75 -19.30 1.24
C ILE A 298 -2.58 -20.07 0.21
N THR A 299 -3.29 -19.35 -0.64
CA THR A 299 -4.12 -19.98 -1.66
C THR A 299 -4.25 -19.11 -2.91
#